data_4FC0
#
_entry.id   4FC0
#
_cell.length_a   109.968
_cell.length_b   109.968
_cell.length_c   145.973
_cell.angle_alpha   90.000
_cell.angle_beta   90.000
_cell.angle_gamma   90.000
#
_symmetry.space_group_name_H-M   'P 41 21 2'
#
loop_
_entity.id
_entity.type
_entity.pdbx_description
1 polymer 'Serine/threonine-protein kinase B-raf'
2 non-polymer 2-chloro-3-[(2-cyanopropan-2-yl)oxy]-N-{5-[{2-[(cyclopropylcarbonyl)amino][1,3]thiazolo[5,4-b]pyridin-5-yl}(methyl)amino]-2-fluorophenyl}benzamide
3 water water
#
_entity_poly.entity_id   1
_entity_poly.type   'polypeptide(L)'
_entity_poly.pdbx_seq_one_letter_code
;GSDSSDDWEIPDGQITVGQRIGSGSFGTVYKGKWHGDVAVKMLNVTAPTPQQLQAFKNEVGVLRKTRHVNILLFMGYSTK
PQLAIVTQWCEGSSLYHHLHIIETKFEMIKLIDIARQTAQGMDYLHAKSIIHRDLKSNNIFLHEDLTVKIGDFGLATVKS
RWSGSHQFEQLSGSILWMAPEVIRMQDKNPYSFQSDVYAFGIVLYELMTGQLPYSNINNRDQIIFMVGRGYLSPDLSKVR
SNCPKAMKRLMAECLKKKRDERPLFPQILASIELLARSLPKIHR
;
_entity_poly.pdbx_strand_id   A,B
#
loop_
_chem_comp.id
_chem_comp.type
_chem_comp.name
_chem_comp.formula
0T2 non-polymer 2-chloro-3-[(2-cyanopropan-2-yl)oxy]-N-{5-[{2-[(cyclopropylcarbonyl)amino][1,3]thiazolo[5,4-b]pyridin-5-yl}(methyl)amino]-2-fluorophenyl}benzamide 'C28 H24 Cl F N6 O3 S'
#
# COMPACT_ATOMS: atom_id res chain seq x y z
N ASP A 6 19.39 -6.18 2.02
CA ASP A 6 18.01 -6.70 1.69
C ASP A 6 18.06 -8.04 0.94
N ASP A 7 16.93 -8.75 0.95
CA ASP A 7 16.71 -9.94 0.12
C ASP A 7 15.22 -10.25 0.08
N TRP A 8 14.68 -10.31 -1.13
CA TRP A 8 13.25 -10.48 -1.31
C TRP A 8 12.86 -11.84 -1.87
N GLU A 9 13.79 -12.79 -1.80
CA GLU A 9 13.50 -14.14 -2.26
C GLU A 9 12.50 -14.77 -1.31
N ILE A 10 11.37 -15.19 -1.86
CA ILE A 10 10.38 -15.95 -1.14
C ILE A 10 10.80 -17.42 -1.22
N PRO A 11 10.91 -18.10 -0.07
CA PRO A 11 11.19 -19.53 -0.10
C PRO A 11 10.19 -20.36 -0.89
N ASP A 12 10.61 -21.57 -1.26
CA ASP A 12 9.77 -22.50 -2.00
C ASP A 12 8.61 -22.99 -1.15
N GLY A 13 7.54 -23.43 -1.81
CA GLY A 13 6.36 -23.96 -1.13
C GLY A 13 5.80 -23.05 -0.06
N GLN A 14 5.80 -21.75 -0.33
CA GLN A 14 5.17 -20.77 0.55
C GLN A 14 3.96 -20.11 -0.10
N ILE A 15 4.01 -19.91 -1.42
CA ILE A 15 2.88 -19.32 -2.14
C ILE A 15 2.03 -20.45 -2.67
N THR A 16 0.76 -20.47 -2.28
CA THR A 16 -0.21 -21.39 -2.89
C THR A 16 -0.79 -20.69 -4.12
N VAL A 17 -0.35 -21.14 -5.30
CA VAL A 17 -0.85 -20.63 -6.56
C VAL A 17 -2.29 -21.06 -6.72
N GLY A 18 -3.15 -20.12 -7.09
CA GLY A 18 -4.58 -20.37 -7.21
C GLY A 18 -5.08 -20.20 -8.62
N GLN A 19 -6.15 -19.44 -8.77
CA GLN A 19 -6.81 -19.23 -10.06
C GLN A 19 -5.86 -18.59 -11.08
N ARG A 20 -5.89 -19.08 -12.32
CA ARG A 20 -5.13 -18.44 -13.41
C ARG A 20 -5.89 -17.21 -13.89
N ILE A 21 -5.18 -16.09 -13.99
CA ILE A 21 -5.80 -14.81 -14.31
C ILE A 21 -5.56 -14.40 -15.76
N GLY A 22 -4.33 -14.57 -16.24
CA GLY A 22 -3.99 -14.24 -17.62
C GLY A 22 -2.71 -14.89 -18.11
N SER A 23 -2.71 -15.29 -19.37
CA SER A 23 -1.54 -15.89 -19.99
C SER A 23 -1.20 -15.13 -21.27
N GLY A 24 0.08 -15.11 -21.62
CA GLY A 24 0.53 -14.36 -22.78
C GLY A 24 2.02 -14.42 -23.08
N SER A 25 2.40 -15.33 -23.97
CA SER A 25 3.75 -15.38 -24.55
C SER A 25 4.91 -15.39 -23.54
N PHE A 26 5.32 -14.20 -23.07
CA PHE A 26 6.45 -14.08 -22.17
C PHE A 26 6.16 -14.68 -20.79
N GLY A 27 4.95 -14.44 -20.26
CA GLY A 27 4.60 -14.83 -18.90
C GLY A 27 3.15 -15.27 -18.69
N THR A 28 2.91 -15.81 -17.50
CA THR A 28 1.55 -16.18 -17.05
C THR A 28 1.37 -15.70 -15.61
N VAL A 29 0.20 -15.15 -15.30
CA VAL A 29 -0.05 -14.58 -13.99
C VAL A 29 -1.21 -15.28 -13.27
N TYR A 30 -1.02 -15.55 -11.98
CA TYR A 30 -2.02 -16.23 -11.17
C TYR A 30 -2.33 -15.41 -9.94
N LYS A 31 -3.52 -15.60 -9.39
CA LYS A 31 -3.86 -15.11 -8.06
C LYS A 31 -3.34 -16.13 -7.07
N GLY A 32 -2.72 -15.67 -6.00
CA GLY A 32 -2.07 -16.56 -5.05
C GLY A 32 -2.33 -16.19 -3.62
N LYS A 33 -1.83 -17.03 -2.71
CA LYS A 33 -1.95 -16.78 -1.28
C LYS A 33 -0.56 -16.73 -0.67
N TRP A 34 -0.18 -15.55 -0.20
CA TRP A 34 1.05 -15.39 0.55
C TRP A 34 0.86 -14.26 1.58
N HIS A 35 0.46 -14.66 2.78
CA HIS A 35 0.09 -13.72 3.83
C HIS A 35 -1.05 -12.84 3.34
N GLY A 36 -2.08 -13.51 2.80
CA GLY A 36 -3.17 -12.84 2.09
C GLY A 36 -3.03 -12.99 0.58
N ASP A 37 -3.93 -12.34 -0.15
CA ASP A 37 -3.95 -12.46 -1.61
C ASP A 37 -2.75 -11.78 -2.22
N VAL A 38 -2.11 -12.45 -3.17
CA VAL A 38 -1.07 -11.83 -4.00
C VAL A 38 -1.26 -12.19 -5.45
N ALA A 39 -0.56 -11.50 -6.34
CA ALA A 39 -0.49 -11.90 -7.74
C ALA A 39 0.89 -12.50 -8.02
N VAL A 40 0.90 -13.69 -8.63
CA VAL A 40 2.14 -14.36 -8.98
C VAL A 40 2.29 -14.42 -10.51
N LYS A 41 3.34 -13.80 -11.02
CA LYS A 41 3.65 -13.83 -12.46
C LYS A 41 4.80 -14.80 -12.67
N MET A 42 4.55 -15.84 -13.46
CA MET A 42 5.51 -16.92 -13.65
C MET A 42 5.99 -17.00 -15.08
N LEU A 43 7.27 -17.31 -15.24
CA LEU A 43 7.86 -17.52 -16.56
C LEU A 43 7.38 -18.87 -17.08
N ASN A 44 6.95 -18.89 -18.34
CA ASN A 44 6.33 -20.08 -18.93
C ASN A 44 7.31 -21.27 -19.03
N VAL A 45 8.15 -21.26 -20.07
CA VAL A 45 9.13 -22.34 -20.27
C VAL A 45 10.05 -22.49 -19.06
N THR A 46 9.98 -23.64 -18.40
CA THR A 46 10.65 -23.84 -17.11
C THR A 46 12.16 -24.18 -17.21
N ALA A 47 12.72 -24.20 -18.42
CA ALA A 47 14.17 -24.21 -18.61
C ALA A 47 14.60 -22.85 -19.18
N PRO A 48 14.57 -21.79 -18.34
CA PRO A 48 14.69 -20.40 -18.82
C PRO A 48 16.00 -20.09 -19.51
N THR A 49 15.95 -19.22 -20.52
CA THR A 49 17.14 -18.86 -21.29
C THR A 49 17.83 -17.66 -20.66
N PRO A 50 19.12 -17.45 -20.98
CA PRO A 50 19.88 -16.32 -20.43
C PRO A 50 19.17 -14.97 -20.52
N GLN A 51 18.59 -14.65 -21.68
CA GLN A 51 17.92 -13.36 -21.89
C GLN A 51 16.66 -13.23 -21.05
N GLN A 52 15.88 -14.32 -20.96
CA GLN A 52 14.70 -14.36 -20.11
C GLN A 52 15.08 -14.14 -18.64
N LEU A 53 16.15 -14.81 -18.20
CA LEU A 53 16.66 -14.66 -16.83
C LEU A 53 17.06 -13.22 -16.55
N GLN A 54 17.70 -12.58 -17.53
CA GLN A 54 18.09 -11.18 -17.41
C GLN A 54 16.87 -10.29 -17.29
N ALA A 55 15.87 -10.54 -18.12
CA ALA A 55 14.59 -9.82 -18.09
C ALA A 55 13.98 -9.85 -16.70
N PHE A 56 14.08 -11.01 -16.06
CA PHE A 56 13.59 -11.22 -14.70
C PHE A 56 14.39 -10.39 -13.70
N LYS A 57 15.71 -10.56 -13.71
CA LYS A 57 16.61 -9.72 -12.91
C LYS A 57 16.24 -8.25 -13.03
N ASN A 58 16.09 -7.79 -14.27
CA ASN A 58 15.85 -6.38 -14.56
C ASN A 58 14.52 -5.88 -14.05
N GLU A 59 13.48 -6.70 -14.13
CA GLU A 59 12.18 -6.29 -13.61
C GLU A 59 12.26 -6.14 -12.09
N VAL A 60 12.79 -7.17 -11.43
CA VAL A 60 12.95 -7.15 -9.97
C VAL A 60 13.88 -6.01 -9.54
N GLY A 61 14.88 -5.73 -10.36
CA GLY A 61 15.77 -4.59 -10.15
C GLY A 61 15.04 -3.25 -10.10
N VAL A 62 14.07 -3.07 -10.99
CA VAL A 62 13.27 -1.85 -11.04
C VAL A 62 12.22 -1.87 -9.95
N LEU A 63 11.47 -2.96 -9.89
CA LEU A 63 10.37 -3.08 -8.93
C LEU A 63 10.77 -2.76 -7.49
N ARG A 64 11.97 -3.19 -7.07
CA ARG A 64 12.43 -2.96 -5.70
C ARG A 64 13.04 -1.57 -5.48
N LYS A 65 13.10 -0.75 -6.54
CA LYS A 65 13.48 0.65 -6.39
C LYS A 65 12.27 1.53 -6.04
N THR A 66 11.07 0.96 -6.10
CA THR A 66 9.84 1.72 -5.93
C THR A 66 9.10 1.41 -4.63
N ARG A 67 8.81 2.44 -3.86
CA ARG A 67 7.96 2.36 -2.67
C ARG A 67 7.08 3.59 -2.65
N HIS A 68 5.89 3.45 -3.22
CA HIS A 68 4.98 4.57 -3.37
C HIS A 68 3.57 4.07 -3.56
N VAL A 69 2.62 4.78 -3.01
CA VAL A 69 1.26 4.30 -2.87
C VAL A 69 0.57 4.14 -4.23
N ASN A 70 1.02 4.90 -5.22
CA ASN A 70 0.45 4.86 -6.56
C ASN A 70 1.25 3.99 -7.53
N ILE A 71 2.15 3.19 -6.98
CA ILE A 71 2.88 2.19 -7.77
C ILE A 71 2.58 0.80 -7.20
N LEU A 72 2.32 -0.15 -8.09
CA LEU A 72 2.10 -1.55 -7.71
C LEU A 72 3.17 -2.00 -6.73
N LEU A 73 2.74 -2.63 -5.64
CA LEU A 73 3.66 -3.04 -4.56
C LEU A 73 4.33 -4.36 -4.88
N PHE A 74 5.63 -4.30 -5.12
CA PHE A 74 6.44 -5.49 -5.21
C PHE A 74 6.56 -6.09 -3.81
N MET A 75 6.45 -7.41 -3.72
CA MET A 75 6.50 -8.11 -2.44
C MET A 75 7.62 -9.13 -2.36
N GLY A 76 7.97 -9.73 -3.50
CA GLY A 76 9.06 -10.69 -3.53
C GLY A 76 9.20 -11.39 -4.86
N TYR A 77 10.23 -12.23 -4.95
CA TYR A 77 10.46 -13.08 -6.10
C TYR A 77 10.77 -14.51 -5.67
N SER A 78 10.67 -15.44 -6.61
CA SER A 78 11.11 -16.80 -6.36
C SER A 78 11.92 -17.25 -7.56
N THR A 79 12.98 -18.02 -7.31
CA THR A 79 13.76 -18.65 -8.37
C THR A 79 13.57 -20.17 -8.38
N LYS A 80 13.09 -20.72 -7.26
CA LYS A 80 12.93 -22.16 -7.08
C LYS A 80 11.46 -22.50 -6.74
N PRO A 81 10.81 -23.36 -7.56
CA PRO A 81 11.33 -24.05 -8.75
C PRO A 81 11.38 -23.16 -10.00
N GLN A 82 10.39 -22.29 -10.17
CA GLN A 82 10.28 -21.44 -11.35
C GLN A 82 10.58 -19.99 -11.00
N LEU A 83 10.93 -19.22 -12.01
CA LEU A 83 11.11 -17.78 -11.85
C LEU A 83 9.73 -17.20 -11.71
N ALA A 84 9.53 -16.39 -10.69
CA ALA A 84 8.23 -15.80 -10.43
C ALA A 84 8.38 -14.51 -9.66
N ILE A 85 7.59 -13.49 -10.01
CA ILE A 85 7.59 -12.23 -9.27
C ILE A 85 6.24 -12.04 -8.62
N VAL A 86 6.26 -11.71 -7.34
CA VAL A 86 5.06 -11.56 -6.55
C VAL A 86 4.86 -10.07 -6.28
N THR A 87 3.65 -9.60 -6.52
CA THR A 87 3.26 -8.23 -6.17
C THR A 87 2.03 -8.32 -5.28
N GLN A 88 1.48 -7.17 -4.90
CA GLN A 88 0.17 -7.13 -4.24
C GLN A 88 -0.91 -7.57 -5.23
N TRP A 89 -2.04 -8.01 -4.72
CA TRP A 89 -3.19 -8.35 -5.54
C TRP A 89 -4.10 -7.14 -5.63
N CYS A 90 -4.38 -6.68 -6.85
CA CYS A 90 -5.29 -5.55 -7.07
C CYS A 90 -6.74 -6.02 -7.21
N GLU A 91 -7.61 -5.53 -6.33
CA GLU A 91 -9.05 -5.75 -6.42
C GLU A 91 -9.69 -4.59 -7.20
N GLY A 92 -10.60 -4.90 -8.12
CA GLY A 92 -11.22 -3.89 -8.99
C GLY A 92 -10.99 -4.09 -10.48
N SER A 93 -10.73 -3.01 -11.20
CA SER A 93 -10.56 -3.06 -12.64
C SER A 93 -9.53 -2.05 -13.09
N SER A 94 -8.87 -2.34 -14.21
CA SER A 94 -7.97 -1.37 -14.83
C SER A 94 -8.76 -0.20 -15.37
N LEU A 95 -8.05 0.90 -15.63
CA LEU A 95 -8.67 2.09 -16.18
C LEU A 95 -9.21 1.79 -17.56
N TYR A 96 -8.46 1.01 -18.35
CA TYR A 96 -8.91 0.54 -19.67
C TYR A 96 -10.24 -0.20 -19.58
N HIS A 97 -10.32 -1.12 -18.63
CA HIS A 97 -11.50 -1.94 -18.45
C HIS A 97 -12.71 -1.09 -18.04
N HIS A 98 -12.51 -0.12 -17.17
CA HIS A 98 -13.58 0.77 -16.77
C HIS A 98 -14.10 1.58 -17.95
N LEU A 99 -13.18 2.17 -18.70
CA LEU A 99 -13.52 3.16 -19.74
C LEU A 99 -13.94 2.57 -21.07
N HIS A 100 -13.46 1.36 -21.38
CA HIS A 100 -13.65 0.80 -22.71
C HIS A 100 -14.37 -0.55 -22.77
N ILE A 101 -14.32 -1.32 -21.70
CA ILE A 101 -14.99 -2.62 -21.67
C ILE A 101 -16.36 -2.46 -21.00
N ILE A 102 -16.38 -2.17 -19.70
CA ILE A 102 -17.65 -2.03 -18.97
C ILE A 102 -18.16 -0.59 -18.94
N GLU A 103 -17.37 0.35 -19.46
CA GLU A 103 -17.82 1.73 -19.68
C GLU A 103 -18.41 2.38 -18.44
N THR A 104 -17.62 2.43 -17.37
CA THR A 104 -18.02 3.14 -16.15
C THR A 104 -18.10 4.63 -16.43
N LYS A 105 -19.17 5.27 -15.98
CA LYS A 105 -19.31 6.72 -16.07
C LYS A 105 -18.93 7.33 -14.74
N PHE A 106 -17.69 7.82 -14.65
CA PHE A 106 -17.22 8.50 -13.46
C PHE A 106 -17.71 9.92 -13.50
N GLU A 107 -17.92 10.52 -12.33
CA GLU A 107 -18.18 11.95 -12.28
C GLU A 107 -16.85 12.68 -12.45
N MET A 108 -16.90 13.90 -13.00
CA MET A 108 -15.70 14.61 -13.43
C MET A 108 -14.67 14.76 -12.31
N ILE A 109 -15.14 15.12 -11.12
CA ILE A 109 -14.27 15.28 -9.96
C ILE A 109 -13.38 14.05 -9.73
N LYS A 110 -13.92 12.87 -10.03
CA LYS A 110 -13.24 11.59 -9.85
C LYS A 110 -12.29 11.30 -11.01
N LEU A 111 -12.63 11.73 -12.22
CA LEU A 111 -11.73 11.58 -13.36
C LEU A 111 -10.48 12.43 -13.17
N ILE A 112 -10.67 13.63 -12.63
CA ILE A 112 -9.56 14.54 -12.37
C ILE A 112 -8.65 13.94 -11.31
N ASP A 113 -9.26 13.33 -10.31
CA ASP A 113 -8.50 12.65 -9.25
C ASP A 113 -7.67 11.48 -9.80
N ILE A 114 -8.23 10.73 -10.75
CA ILE A 114 -7.47 9.63 -11.34
C ILE A 114 -6.22 10.18 -12.04
N ALA A 115 -6.36 11.32 -12.71
CA ALA A 115 -5.24 11.95 -13.39
C ALA A 115 -4.20 12.45 -12.39
N ARG A 116 -4.68 12.97 -11.27
CA ARG A 116 -3.82 13.45 -10.19
C ARG A 116 -2.93 12.32 -9.69
N GLN A 117 -3.57 11.22 -9.34
CA GLN A 117 -2.87 10.07 -8.80
C GLN A 117 -1.92 9.49 -9.82
N THR A 118 -2.37 9.33 -11.05
CA THR A 118 -1.52 8.76 -12.08
C THR A 118 -0.27 9.63 -12.26
N ALA A 119 -0.47 10.94 -12.31
CA ALA A 119 0.63 11.88 -12.44
C ALA A 119 1.51 11.84 -11.19
N GLN A 120 0.87 11.65 -10.04
CA GLN A 120 1.58 11.54 -8.76
C GLN A 120 2.59 10.39 -8.79
N GLY A 121 2.17 9.25 -9.32
CA GLY A 121 3.04 8.10 -9.43
C GLY A 121 4.14 8.32 -10.46
N MET A 122 3.76 8.78 -11.64
CA MET A 122 4.73 9.04 -12.69
C MET A 122 5.80 10.04 -12.21
N ASP A 123 5.38 11.06 -11.46
CA ASP A 123 6.30 12.03 -10.88
C ASP A 123 7.36 11.31 -10.05
N TYR A 124 6.90 10.41 -9.19
CA TYR A 124 7.79 9.59 -8.37
C TYR A 124 8.77 8.82 -9.25
N LEU A 125 8.23 8.05 -10.19
CA LEU A 125 9.06 7.20 -11.04
C LEU A 125 10.16 7.99 -11.72
N HIS A 126 9.80 9.13 -12.28
CA HIS A 126 10.76 9.97 -12.96
C HIS A 126 11.82 10.48 -11.99
N ALA A 127 11.41 10.88 -10.80
CA ALA A 127 12.36 11.34 -9.78
C ALA A 127 13.47 10.32 -9.53
N LYS A 128 13.14 9.04 -9.59
CA LYS A 128 14.13 7.96 -9.46
C LYS A 128 14.71 7.52 -10.81
N SER A 129 14.73 8.43 -11.80
CA SER A 129 15.27 8.14 -13.13
C SER A 129 14.69 6.87 -13.77
N ILE A 130 13.39 6.66 -13.58
CA ILE A 130 12.72 5.51 -14.18
C ILE A 130 11.77 5.99 -15.26
N ILE A 131 11.95 5.48 -16.47
CA ILE A 131 11.03 5.74 -17.59
C ILE A 131 10.14 4.52 -17.77
N HIS A 132 8.84 4.71 -17.75
CA HIS A 132 7.90 3.59 -17.84
C HIS A 132 7.98 2.89 -19.20
N ARG A 133 7.89 3.68 -20.26
CA ARG A 133 7.98 3.22 -21.64
C ARG A 133 6.70 2.62 -22.20
N ASP A 134 5.72 2.34 -21.34
CA ASP A 134 4.48 1.70 -21.79
C ASP A 134 3.30 2.07 -20.88
N LEU A 135 3.20 3.35 -20.57
CA LEU A 135 2.05 3.85 -19.81
C LEU A 135 0.84 3.80 -20.71
N LYS A 136 -0.27 3.27 -20.20
CA LYS A 136 -1.53 3.25 -20.93
C LYS A 136 -2.64 2.86 -19.98
N SER A 137 -3.88 3.02 -20.41
CA SER A 137 -5.02 2.78 -19.52
C SER A 137 -5.05 1.39 -18.91
N ASN A 138 -4.56 0.38 -19.62
CA ASN A 138 -4.59 -0.97 -19.04
C ASN A 138 -3.46 -1.23 -18.07
N ASN A 139 -2.45 -0.36 -18.07
CA ASN A 139 -1.38 -0.45 -17.08
C ASN A 139 -1.65 0.43 -15.85
N ILE A 140 -2.86 1.00 -15.80
CA ILE A 140 -3.33 1.75 -14.65
C ILE A 140 -4.50 0.99 -14.03
N PHE A 141 -4.31 0.49 -12.82
CA PHE A 141 -5.33 -0.29 -12.12
C PHE A 141 -6.00 0.58 -11.07
N LEU A 142 -7.33 0.64 -11.11
CA LEU A 142 -8.08 1.49 -10.18
C LEU A 142 -8.40 0.66 -8.93
N HIS A 143 -7.37 0.47 -8.11
CA HIS A 143 -7.43 -0.45 -6.99
C HIS A 143 -8.54 -0.09 -6.02
N GLU A 144 -9.41 -1.05 -5.75
CA GLU A 144 -10.48 -0.90 -4.78
C GLU A 144 -11.37 0.29 -5.14
N ASP A 145 -11.48 0.58 -6.44
CA ASP A 145 -12.23 1.73 -6.94
C ASP A 145 -11.83 3.05 -6.26
N LEU A 146 -10.55 3.20 -5.90
CA LEU A 146 -10.12 4.31 -5.03
C LEU A 146 -8.69 4.78 -5.29
N THR A 147 -7.73 3.87 -5.29
CA THR A 147 -6.31 4.22 -5.40
C THR A 147 -5.74 3.72 -6.72
N VAL A 148 -5.16 4.61 -7.50
CA VAL A 148 -4.50 4.23 -8.73
C VAL A 148 -3.22 3.48 -8.39
N LYS A 149 -3.02 2.35 -9.04
CA LYS A 149 -1.73 1.65 -8.97
C LYS A 149 -1.16 1.52 -10.37
N ILE A 150 -0.12 2.29 -10.66
CA ILE A 150 0.58 2.14 -11.93
C ILE A 150 1.43 0.89 -11.91
N GLY A 151 1.41 0.16 -13.03
CA GLY A 151 2.25 -1.03 -13.19
C GLY A 151 2.54 -1.28 -14.65
N ASP A 152 3.00 -2.49 -14.94
CA ASP A 152 3.10 -2.96 -16.31
C ASP A 152 2.51 -4.36 -16.38
N PHE A 153 1.22 -4.43 -16.69
CA PHE A 153 0.44 -5.65 -16.56
C PHE A 153 0.45 -6.47 -17.85
N GLY A 154 1.50 -6.31 -18.65
CA GLY A 154 1.67 -7.10 -19.88
C GLY A 154 2.87 -8.00 -19.78
N GLY A 173 3.18 -3.80 -29.97
CA GLY A 173 3.27 -2.38 -29.60
C GLY A 173 1.97 -1.78 -29.08
N SER A 174 2.09 -0.73 -28.26
CA SER A 174 0.95 0.02 -27.73
C SER A 174 0.88 1.37 -28.44
N ILE A 175 0.61 1.29 -29.74
CA ILE A 175 0.65 2.41 -30.68
C ILE A 175 -0.13 3.66 -30.28
N LEU A 176 -1.34 3.51 -29.76
CA LEU A 176 -2.18 4.68 -29.46
C LEU A 176 -1.54 5.64 -28.44
N TRP A 177 -0.62 5.13 -27.61
CA TRP A 177 0.03 5.90 -26.56
C TRP A 177 1.47 6.30 -26.89
N MET A 178 1.96 5.89 -28.06
CA MET A 178 3.32 6.22 -28.47
C MET A 178 3.40 7.60 -29.08
N ALA A 179 4.33 8.41 -28.58
CA ALA A 179 4.57 9.75 -29.11
C ALA A 179 5.26 9.62 -30.46
N PRO A 180 5.07 10.61 -31.34
CA PRO A 180 5.54 10.51 -32.71
C PRO A 180 7.01 10.12 -32.85
N GLU A 181 7.87 10.66 -31.98
CA GLU A 181 9.29 10.37 -32.09
C GLU A 181 9.61 8.91 -31.79
N VAL A 182 8.80 8.29 -30.94
CA VAL A 182 8.92 6.85 -30.65
C VAL A 182 8.40 6.06 -31.85
N ILE A 183 7.20 6.43 -32.29
CA ILE A 183 6.60 5.84 -33.50
C ILE A 183 7.53 5.88 -34.70
N ARG A 184 8.29 6.96 -34.85
CA ARG A 184 9.18 7.12 -36.01
C ARG A 184 10.64 6.93 -35.58
N MET A 185 10.91 5.88 -34.81
CA MET A 185 12.25 5.57 -34.30
C MET A 185 13.35 6.59 -34.65
N ASN A 189 17.55 5.27 -28.58
CA ASN A 189 16.67 5.34 -27.41
C ASN A 189 15.79 6.59 -27.46
N PRO A 190 14.69 6.55 -28.23
CA PRO A 190 13.75 7.67 -28.36
C PRO A 190 12.86 7.89 -27.14
N TYR A 191 12.96 7.01 -26.13
CA TYR A 191 12.18 7.16 -24.90
C TYR A 191 12.76 8.25 -24.02
N SER A 192 11.88 9.01 -23.37
CA SER A 192 12.28 10.13 -22.54
C SER A 192 11.18 10.38 -21.53
N PHE A 193 11.42 11.27 -20.57
CA PHE A 193 10.35 11.62 -19.66
C PHE A 193 9.19 12.20 -20.47
N GLN A 194 9.53 12.88 -21.55
CA GLN A 194 8.54 13.48 -22.43
C GLN A 194 7.71 12.44 -23.16
N SER A 195 8.33 11.34 -23.59
CA SER A 195 7.56 10.28 -24.25
C SER A 195 6.61 9.60 -23.27
N ASP A 196 7.01 9.51 -21.99
CA ASP A 196 6.10 9.08 -20.94
C ASP A 196 4.96 10.08 -20.76
N VAL A 197 5.29 11.36 -20.80
CA VAL A 197 4.30 12.43 -20.68
C VAL A 197 3.26 12.38 -21.80
N TYR A 198 3.68 12.04 -23.01
CA TYR A 198 2.76 11.95 -24.15
C TYR A 198 1.73 10.85 -23.91
N ALA A 199 2.20 9.67 -23.53
CA ALA A 199 1.33 8.57 -23.15
C ALA A 199 0.28 9.04 -22.12
N PHE A 200 0.74 9.76 -21.10
CA PHE A 200 -0.15 10.33 -20.08
C PHE A 200 -1.17 11.26 -20.73
N GLY A 201 -0.72 12.03 -21.72
CA GLY A 201 -1.61 12.87 -22.51
C GLY A 201 -2.72 12.05 -23.16
N ILE A 202 -2.39 10.87 -23.66
CA ILE A 202 -3.39 10.01 -24.27
C ILE A 202 -4.35 9.48 -23.18
N VAL A 203 -3.83 9.13 -22.02
CA VAL A 203 -4.67 8.63 -20.92
C VAL A 203 -5.65 9.71 -20.49
N LEU A 204 -5.20 10.95 -20.40
CA LEU A 204 -6.09 12.07 -20.07
C LEU A 204 -7.20 12.15 -21.10
N TYR A 205 -6.85 11.97 -22.37
CA TYR A 205 -7.83 11.94 -23.45
C TYR A 205 -8.85 10.84 -23.19
N GLU A 206 -8.35 9.65 -22.86
CA GLU A 206 -9.21 8.51 -22.54
C GLU A 206 -10.17 8.84 -21.42
N LEU A 207 -9.65 9.40 -20.34
CA LEU A 207 -10.47 9.76 -19.19
C LEU A 207 -11.53 10.79 -19.56
N MET A 208 -11.11 11.81 -20.29
CA MET A 208 -12.00 12.93 -20.58
C MET A 208 -13.02 12.64 -21.68
N THR A 209 -12.69 11.74 -22.60
CA THR A 209 -13.61 11.36 -23.68
C THR A 209 -14.30 10.02 -23.44
N GLY A 210 -13.76 9.23 -22.52
CA GLY A 210 -14.28 7.89 -22.28
C GLY A 210 -14.09 6.99 -23.49
N GLN A 211 -13.18 7.37 -24.38
CA GLN A 211 -12.91 6.63 -25.62
C GLN A 211 -11.43 6.58 -25.92
N LEU A 212 -11.06 5.66 -26.81
CA LEU A 212 -9.69 5.59 -27.31
C LEU A 212 -9.55 6.60 -28.42
N PRO A 213 -8.31 7.06 -28.69
CA PRO A 213 -8.08 7.94 -29.82
C PRO A 213 -8.24 7.23 -31.15
N TYR A 214 -8.41 8.03 -32.20
CA TYR A 214 -8.50 7.56 -33.59
C TYR A 214 -9.52 6.42 -33.76
N SER A 215 -10.69 6.61 -33.16
CA SER A 215 -11.73 5.59 -33.23
C SER A 215 -12.33 5.49 -34.64
N ASN A 216 -12.21 6.55 -35.43
CA ASN A 216 -12.71 6.57 -36.81
C ASN A 216 -11.77 5.94 -37.84
N ILE A 217 -10.60 5.50 -37.40
CA ILE A 217 -9.63 4.83 -38.26
C ILE A 217 -9.54 3.37 -37.84
N ASN A 218 -9.58 2.46 -38.81
CA ASN A 218 -9.53 1.02 -38.53
C ASN A 218 -8.23 0.34 -38.98
N ASN A 219 -7.31 1.11 -39.55
CA ASN A 219 -6.05 0.57 -40.06
C ASN A 219 -4.85 0.97 -39.20
N ARG A 220 -4.17 -0.02 -38.65
CA ARG A 220 -3.04 0.20 -37.75
C ARG A 220 -1.83 0.85 -38.44
N ASP A 221 -1.47 0.34 -39.62
CA ASP A 221 -0.31 0.86 -40.33
C ASP A 221 -0.46 2.34 -40.66
N GLN A 222 -1.67 2.73 -41.03
CA GLN A 222 -1.98 4.12 -41.33
C GLN A 222 -1.92 5.01 -40.09
N ILE A 223 -2.34 4.48 -38.94
CA ILE A 223 -2.22 5.25 -37.70
C ILE A 223 -0.75 5.49 -37.37
N ILE A 224 0.07 4.47 -37.57
CA ILE A 224 1.50 4.57 -37.33
C ILE A 224 2.11 5.64 -38.23
N PHE A 225 1.83 5.54 -39.53
CA PHE A 225 2.39 6.47 -40.51
C PHE A 225 1.96 7.91 -40.24
N MET A 226 0.66 8.09 -40.05
CA MET A 226 0.07 9.42 -39.92
C MET A 226 0.47 10.13 -38.64
N VAL A 227 0.45 9.44 -37.51
CA VAL A 227 0.89 10.07 -36.27
C VAL A 227 2.37 10.43 -36.35
N GLY A 228 3.18 9.55 -36.92
CA GLY A 228 4.60 9.82 -37.08
C GLY A 228 4.87 11.03 -37.97
N ARG A 229 4.06 11.19 -38.99
CA ARG A 229 4.20 12.33 -39.91
C ARG A 229 3.55 13.61 -39.38
N GLY A 230 2.79 13.49 -38.29
CA GLY A 230 2.09 14.62 -37.70
C GLY A 230 0.76 14.92 -38.38
N TYR A 231 0.30 14.03 -39.26
CA TYR A 231 -0.96 14.26 -39.96
C TYR A 231 -2.15 13.97 -39.06
N LEU A 232 -1.93 13.15 -38.03
CA LEU A 232 -2.98 12.72 -37.11
C LEU A 232 -2.66 13.16 -35.69
N SER A 233 -3.67 13.62 -34.97
CA SER A 233 -3.55 13.83 -33.52
C SER A 233 -4.95 13.82 -32.91
N PRO A 234 -5.05 13.46 -31.63
CA PRO A 234 -6.36 13.25 -30.99
C PRO A 234 -7.35 14.40 -31.15
N ASP A 235 -8.63 14.05 -31.34
CA ASP A 235 -9.72 15.02 -31.49
C ASP A 235 -10.14 15.54 -30.13
N LEU A 236 -9.59 16.69 -29.73
CA LEU A 236 -9.89 17.25 -28.43
C LEU A 236 -11.30 17.81 -28.32
N SER A 237 -12.03 17.89 -29.44
CA SER A 237 -13.42 18.35 -29.40
C SER A 237 -14.33 17.31 -28.71
N LYS A 238 -13.88 16.06 -28.65
CA LYS A 238 -14.64 14.97 -28.03
C LYS A 238 -14.66 14.95 -26.49
N VAL A 239 -13.95 15.86 -25.84
CA VAL A 239 -13.92 15.87 -24.37
C VAL A 239 -15.29 16.28 -23.84
N ARG A 240 -15.62 15.75 -22.66
CA ARG A 240 -16.89 16.05 -21.99
C ARG A 240 -17.10 17.54 -21.85
N SER A 241 -18.35 17.96 -21.85
CA SER A 241 -18.67 19.39 -21.76
C SER A 241 -18.17 20.00 -20.44
N ASN A 242 -18.28 19.24 -19.34
CA ASN A 242 -17.87 19.74 -18.02
C ASN A 242 -16.36 19.66 -17.75
N CYS A 243 -15.61 19.04 -18.66
CA CYS A 243 -14.14 19.05 -18.61
C CYS A 243 -13.62 20.49 -18.52
N PRO A 244 -12.87 20.83 -17.46
CA PRO A 244 -12.38 22.21 -17.32
C PRO A 244 -11.43 22.66 -18.43
N LYS A 245 -11.48 23.94 -18.78
CA LYS A 245 -10.59 24.48 -19.81
C LYS A 245 -9.12 24.28 -19.45
N ALA A 246 -8.80 24.49 -18.17
CA ALA A 246 -7.43 24.28 -17.65
C ALA A 246 -6.94 22.88 -17.95
N MET A 247 -7.82 21.89 -17.85
CA MET A 247 -7.49 20.48 -18.10
C MET A 247 -7.30 20.24 -19.60
N LYS A 248 -8.28 20.68 -20.38
CA LYS A 248 -8.22 20.56 -21.83
C LYS A 248 -6.90 21.13 -22.40
N ARG A 249 -6.38 22.15 -21.73
CA ARG A 249 -5.12 22.81 -22.14
C ARG A 249 -3.91 21.99 -21.76
N LEU A 250 -3.87 21.51 -20.52
CA LEU A 250 -2.80 20.61 -20.08
C LEU A 250 -2.66 19.43 -21.02
N MET A 251 -3.81 18.92 -21.48
CA MET A 251 -3.86 17.78 -22.37
C MET A 251 -3.24 18.10 -23.71
N ALA A 252 -3.49 19.31 -24.21
CA ALA A 252 -2.92 19.77 -25.47
C ALA A 252 -1.40 19.91 -25.34
N GLU A 253 -0.94 20.33 -24.17
CA GLU A 253 0.48 20.53 -23.90
C GLU A 253 1.23 19.20 -23.78
N CYS A 254 0.61 18.23 -23.12
CA CYS A 254 1.19 16.90 -23.00
C CYS A 254 1.20 16.16 -24.32
N LEU A 255 0.30 16.51 -25.23
CA LEU A 255 0.18 15.82 -26.52
C LEU A 255 0.97 16.49 -27.66
N LYS A 256 1.69 17.57 -27.36
CA LYS A 256 2.44 18.30 -28.38
C LYS A 256 3.33 17.36 -29.20
N LYS A 257 3.29 17.49 -30.52
CA LYS A 257 4.07 16.63 -31.42
C LYS A 257 5.57 16.77 -31.15
N LYS A 258 6.01 18.01 -30.92
CA LYS A 258 7.42 18.29 -30.60
C LYS A 258 7.72 17.90 -29.16
N ARG A 259 8.76 17.10 -29.00
CA ARG A 259 9.14 16.51 -27.72
C ARG A 259 9.40 17.60 -26.66
N ASP A 260 10.20 18.60 -27.02
CA ASP A 260 10.67 19.60 -26.05
C ASP A 260 9.62 20.65 -25.62
N GLU A 261 8.47 20.67 -26.27
CA GLU A 261 7.36 21.57 -25.87
C GLU A 261 6.46 20.97 -24.79
N ARG A 262 6.69 19.69 -24.45
CA ARG A 262 5.86 19.00 -23.47
C ARG A 262 6.35 19.28 -22.06
N PRO A 263 5.43 19.54 -21.12
CA PRO A 263 5.82 19.74 -19.73
C PRO A 263 6.26 18.43 -19.05
N LEU A 264 7.07 18.56 -18.00
CA LEU A 264 7.42 17.41 -17.16
C LEU A 264 6.39 17.26 -16.05
N PHE A 265 6.50 16.19 -15.25
CA PHE A 265 5.44 15.89 -14.31
C PHE A 265 5.28 16.84 -13.12
N PRO A 266 6.39 17.39 -12.56
CA PRO A 266 6.17 18.40 -11.51
C PRO A 266 5.20 19.51 -11.95
N GLN A 267 5.34 19.99 -13.17
CA GLN A 267 4.45 21.02 -13.73
C GLN A 267 3.04 20.46 -13.90
N ILE A 268 2.94 19.26 -14.48
CA ILE A 268 1.63 18.62 -14.70
C ILE A 268 0.89 18.47 -13.37
N LEU A 269 1.61 18.02 -12.35
CA LEU A 269 1.03 17.78 -11.03
C LEU A 269 0.59 19.08 -10.36
N ALA A 270 1.44 20.10 -10.44
CA ALA A 270 1.09 21.44 -9.94
C ALA A 270 -0.12 21.97 -10.70
N SER A 271 -0.18 21.67 -11.99
CA SER A 271 -1.24 22.16 -12.85
C SER A 271 -2.57 21.51 -12.52
N ILE A 272 -2.56 20.18 -12.31
CA ILE A 272 -3.75 19.48 -11.90
C ILE A 272 -4.14 19.90 -10.49
N GLU A 273 -3.15 20.05 -9.62
CA GLU A 273 -3.39 20.54 -8.25
C GLU A 273 -4.29 21.77 -8.23
N LEU A 274 -3.80 22.85 -8.87
CA LEU A 274 -4.50 24.13 -8.93
C LEU A 274 -5.93 23.95 -9.44
N LEU A 275 -6.03 23.27 -10.57
CA LEU A 275 -7.31 22.98 -11.23
C LEU A 275 -8.33 22.28 -10.33
N ALA A 276 -7.88 21.31 -9.54
CA ALA A 276 -8.78 20.50 -8.70
C ALA A 276 -9.26 21.23 -7.44
N ARG A 277 -8.64 22.37 -7.12
CA ARG A 277 -9.02 23.16 -5.94
C ARG A 277 -10.24 24.05 -6.20
N SER A 278 -10.40 24.48 -7.45
CA SER A 278 -11.57 25.26 -7.86
C SER A 278 -12.63 24.32 -8.40
N LEU A 279 -13.25 23.55 -7.49
CA LEU A 279 -14.08 22.40 -7.86
C LEU A 279 -14.76 21.63 -6.69
N PRO A 280 -13.96 21.02 -5.77
CA PRO A 280 -14.35 19.85 -4.94
C PRO A 280 -15.81 19.79 -4.50
N ASP B 6 21.23 0.08 -3.93
CA ASP B 6 19.87 -0.13 -3.35
C ASP B 6 19.64 0.79 -2.13
N ASP B 7 19.52 2.10 -2.38
CA ASP B 7 19.40 3.09 -1.29
C ASP B 7 18.00 3.73 -1.15
N TRP B 8 17.69 4.21 0.06
CA TRP B 8 16.43 4.91 0.32
C TRP B 8 16.62 6.27 0.94
N GLU B 9 17.80 6.86 0.83
CA GLU B 9 18.01 8.19 1.37
C GLU B 9 17.36 9.20 0.45
N ILE B 10 16.59 10.11 1.03
CA ILE B 10 15.96 11.19 0.29
C ILE B 10 16.83 12.44 0.45
N PRO B 11 17.36 12.96 -0.66
CA PRO B 11 18.15 14.20 -0.60
C PRO B 11 17.42 15.33 0.09
N ASP B 12 18.15 16.16 0.83
CA ASP B 12 17.53 17.24 1.57
C ASP B 12 16.90 18.29 0.65
N GLY B 13 15.91 19.00 1.18
CA GLY B 13 15.23 20.06 0.44
C GLY B 13 14.07 19.56 -0.40
N GLN B 14 13.86 18.25 -0.43
CA GLN B 14 12.75 17.68 -1.17
C GLN B 14 11.53 17.48 -0.29
N ILE B 15 11.76 17.23 1.00
CA ILE B 15 10.68 17.02 1.94
C ILE B 15 10.18 18.35 2.46
N THR B 16 8.88 18.60 2.30
CA THR B 16 8.18 19.71 2.96
C THR B 16 7.49 19.18 4.21
N VAL B 17 7.57 19.93 5.30
CA VAL B 17 6.96 19.53 6.55
C VAL B 17 5.84 20.51 6.90
N GLY B 18 4.62 19.99 7.03
CA GLY B 18 3.46 20.84 7.32
C GLY B 18 3.03 20.81 8.79
N GLN B 19 1.83 20.31 9.03
CA GLN B 19 1.28 20.11 10.37
C GLN B 19 2.16 19.22 11.25
N ARG B 20 2.19 19.52 12.54
CA ARG B 20 2.81 18.64 13.54
C ARG B 20 1.67 17.86 14.20
N ILE B 21 1.71 16.54 14.10
CA ILE B 21 0.62 15.67 14.54
C ILE B 21 0.79 15.22 16.00
N GLY B 22 2.04 15.02 16.42
CA GLY B 22 2.34 14.63 17.78
C GLY B 22 3.83 14.60 18.07
N SER B 23 4.16 14.70 19.35
CA SER B 23 5.55 14.69 19.81
C SER B 23 5.74 13.75 20.99
N GLY B 24 6.76 12.89 20.89
CA GLY B 24 7.26 12.13 22.04
C GLY B 24 8.71 12.48 22.28
N SER B 25 9.28 11.92 23.34
CA SER B 25 10.73 11.97 23.57
C SER B 25 11.47 11.01 22.62
N PHE B 26 10.71 10.32 21.76
CA PHE B 26 11.23 9.34 20.81
C PHE B 26 11.04 9.85 19.36
N GLY B 27 10.77 11.13 19.22
CA GLY B 27 10.56 11.74 17.90
C GLY B 27 9.29 12.58 17.81
N THR B 28 9.17 13.30 16.69
CA THR B 28 8.02 14.14 16.41
C THR B 28 7.47 13.80 15.03
N VAL B 29 6.17 13.55 14.95
CA VAL B 29 5.56 13.20 13.67
C VAL B 29 4.91 14.45 13.08
N TYR B 30 5.16 14.66 11.78
CA TYR B 30 4.51 15.73 11.00
C TYR B 30 3.79 15.14 9.80
N LYS B 31 2.72 15.79 9.36
CA LYS B 31 2.21 15.55 8.02
C LYS B 31 3.10 16.33 7.07
N GLY B 32 3.44 15.72 5.94
CA GLY B 32 4.36 16.35 5.00
C GLY B 32 4.01 16.06 3.56
N LYS B 33 4.78 16.66 2.67
CA LYS B 33 4.65 16.42 1.24
C LYS B 33 5.97 15.92 0.68
N TRP B 34 5.92 14.73 0.09
CA TRP B 34 7.01 14.19 -0.70
C TRP B 34 6.44 13.22 -1.71
N HIS B 35 6.35 13.65 -2.96
CA HIS B 35 5.65 12.88 -3.99
C HIS B 35 4.27 12.51 -3.50
N GLY B 36 3.60 13.48 -2.89
CA GLY B 36 2.27 13.31 -2.31
C GLY B 36 2.29 13.45 -0.79
N ASP B 37 1.13 13.24 -0.18
CA ASP B 37 1.01 13.24 1.28
C ASP B 37 1.93 12.18 1.86
N VAL B 38 2.61 12.53 2.94
CA VAL B 38 3.47 11.60 3.67
C VAL B 38 3.48 11.94 5.14
N ALA B 39 3.76 10.94 5.97
CA ALA B 39 4.05 11.17 7.39
C ALA B 39 5.57 11.23 7.57
N VAL B 40 6.04 12.24 8.30
CA VAL B 40 7.47 12.38 8.57
C VAL B 40 7.73 12.33 10.08
N LYS B 41 8.39 11.26 10.51
CA LYS B 41 8.81 11.11 11.90
C LYS B 41 10.25 11.53 11.95
N MET B 42 10.56 12.56 12.72
CA MET B 42 11.93 13.06 12.78
C MET B 42 12.35 13.51 14.18
N LEU B 43 13.62 13.27 14.49
CA LEU B 43 14.21 13.74 15.74
C LEU B 43 14.38 15.25 15.71
N ASN B 44 13.58 15.93 16.52
CA ASN B 44 13.62 17.39 16.64
C ASN B 44 14.92 17.96 17.25
N VAL B 45 15.95 17.12 17.39
CA VAL B 45 17.17 17.49 18.10
C VAL B 45 18.24 18.05 17.16
N THR B 46 19.22 18.70 17.75
CA THR B 46 20.31 19.34 17.02
C THR B 46 21.48 18.39 16.75
N ALA B 47 21.76 17.52 17.73
CA ALA B 47 22.88 16.59 17.68
C ALA B 47 22.45 15.20 18.19
N PRO B 48 22.11 14.29 17.27
CA PRO B 48 21.67 12.95 17.68
C PRO B 48 22.71 12.20 18.49
N THR B 49 22.33 11.69 19.66
CA THR B 49 23.24 10.89 20.48
C THR B 49 23.32 9.47 19.91
N PRO B 50 24.45 8.78 20.16
CA PRO B 50 24.64 7.43 19.64
C PRO B 50 23.44 6.50 19.82
N GLN B 51 22.77 6.57 20.98
CA GLN B 51 21.60 5.73 21.28
C GLN B 51 20.44 6.06 20.33
N GLN B 52 20.21 7.36 20.13
CA GLN B 52 19.16 7.84 19.24
C GLN B 52 19.46 7.47 17.78
N LEU B 53 20.72 7.63 17.39
CA LEU B 53 21.15 7.28 16.05
C LEU B 53 21.01 5.78 15.82
N GLN B 54 21.33 4.98 16.83
CA GLN B 54 21.13 3.54 16.74
C GLN B 54 19.64 3.19 16.72
N ALA B 55 18.85 3.88 17.54
CA ALA B 55 17.40 3.72 17.50
C ALA B 55 16.86 3.96 16.08
N PHE B 56 17.31 5.04 15.46
CA PHE B 56 16.97 5.40 14.08
C PHE B 56 17.36 4.32 13.08
N LYS B 57 18.64 3.91 13.14
CA LYS B 57 19.16 2.88 12.22
C LYS B 57 18.36 1.58 12.34
N ASN B 58 17.95 1.24 13.56
CA ASN B 58 17.14 0.04 13.79
C ASN B 58 15.74 0.12 13.18
N GLU B 59 15.06 1.24 13.39
CA GLU B 59 13.71 1.44 12.87
C GLU B 59 13.72 1.39 11.35
N VAL B 60 14.72 2.04 10.76
CA VAL B 60 14.89 2.00 9.31
C VAL B 60 15.19 0.58 8.86
N GLY B 61 16.05 -0.10 9.60
CA GLY B 61 16.41 -1.48 9.30
C GLY B 61 15.23 -2.43 9.27
N VAL B 62 14.29 -2.21 10.18
CA VAL B 62 13.09 -3.04 10.28
C VAL B 62 12.09 -2.68 9.19
N LEU B 63 11.88 -1.38 9.00
CA LEU B 63 10.90 -0.88 8.03
C LEU B 63 11.22 -1.24 6.57
N ARG B 64 12.50 -1.24 6.22
CA ARG B 64 12.90 -1.59 4.86
C ARG B 64 12.91 -3.10 4.59
N LYS B 65 12.67 -3.92 5.61
CA LYS B 65 12.45 -5.36 5.44
C LYS B 65 10.99 -5.70 5.12
N THR B 66 10.10 -4.71 5.22
CA THR B 66 8.66 -4.94 5.04
C THR B 66 8.11 -4.39 3.73
N ARG B 67 7.46 -5.26 2.93
CA ARG B 67 6.68 -4.85 1.77
C ARG B 67 5.38 -5.66 1.73
N HIS B 68 4.38 -5.17 2.46
CA HIS B 68 3.12 -5.87 2.63
C HIS B 68 2.01 -4.87 2.81
N VAL B 69 0.86 -5.18 2.25
CA VAL B 69 -0.23 -4.22 2.12
C VAL B 69 -0.76 -3.76 3.47
N ASN B 70 -0.63 -4.63 4.47
CA ASN B 70 -1.16 -4.37 5.80
C ASN B 70 -0.12 -3.83 6.77
N ILE B 71 1.09 -3.55 6.27
CA ILE B 71 2.11 -2.83 7.05
C ILE B 71 2.25 -1.43 6.47
N LEU B 72 2.38 -0.44 7.35
CA LEU B 72 2.56 0.95 6.96
C LEU B 72 3.71 1.05 5.97
N LEU B 73 3.45 1.63 4.80
CA LEU B 73 4.45 1.66 3.73
C LEU B 73 5.58 2.60 4.09
N PHE B 74 6.77 2.05 4.27
CA PHE B 74 7.98 2.85 4.40
C PHE B 74 8.37 3.33 3.01
N MET B 75 8.82 4.57 2.91
CA MET B 75 9.13 5.20 1.61
C MET B 75 10.53 5.78 1.51
N GLY B 76 11.08 6.23 2.62
CA GLY B 76 12.45 6.73 2.64
C GLY B 76 12.88 7.23 4.01
N TYR B 77 14.15 7.61 4.10
CA TYR B 77 14.67 8.31 5.27
C TYR B 77 15.50 9.52 4.87
N SER B 78 15.87 10.32 5.86
CA SER B 78 16.67 11.52 5.64
C SER B 78 17.55 11.76 6.86
N THR B 79 18.85 11.72 6.66
CA THR B 79 19.81 12.10 7.70
C THR B 79 20.34 13.50 7.49
N LYS B 80 20.36 13.95 6.23
CA LYS B 80 21.08 15.15 5.81
C LYS B 80 20.91 16.35 6.75
N PRO B 81 19.70 16.91 6.85
CA PRO B 81 19.49 18.05 7.75
C PRO B 81 19.30 17.61 9.21
N GLN B 82 18.63 16.48 9.39
CA GLN B 82 18.01 16.08 10.66
C GLN B 82 17.40 14.68 10.47
N LEU B 83 17.67 13.75 11.39
CA LEU B 83 17.19 12.36 11.25
C LEU B 83 15.67 12.28 11.08
N ALA B 84 15.21 11.59 10.03
CA ALA B 84 13.77 11.52 9.72
C ALA B 84 13.40 10.28 8.92
N ILE B 85 12.22 9.76 9.19
CA ILE B 85 11.68 8.59 8.49
C ILE B 85 10.37 8.98 7.81
N VAL B 86 10.26 8.71 6.51
CA VAL B 86 9.08 9.06 5.73
C VAL B 86 8.29 7.81 5.38
N THR B 87 7.03 7.77 5.79
CA THR B 87 6.12 6.67 5.46
C THR B 87 4.92 7.26 4.75
N GLN B 88 4.00 6.39 4.31
CA GLN B 88 2.76 6.84 3.70
C GLN B 88 1.90 7.54 4.74
N TRP B 89 1.09 8.46 4.27
CA TRP B 89 0.17 9.19 5.13
C TRP B 89 -1.12 8.39 5.19
N CYS B 90 -1.55 8.02 6.39
CA CYS B 90 -2.79 7.25 6.53
C CYS B 90 -3.98 8.18 6.66
N GLU B 91 -5.17 7.64 6.42
CA GLU B 91 -6.36 8.46 6.17
C GLU B 91 -7.58 7.85 6.86
N GLY B 92 -8.19 8.60 7.76
CA GLY B 92 -9.31 8.10 8.57
C GLY B 92 -8.97 8.14 10.04
N SER B 93 -8.89 6.97 10.66
CA SER B 93 -8.50 6.88 12.06
C SER B 93 -8.14 5.46 12.49
N SER B 94 -7.54 5.36 13.68
CA SER B 94 -7.13 4.10 14.24
C SER B 94 -8.32 3.25 14.61
N LEU B 95 -8.08 1.95 14.75
CA LEU B 95 -9.11 1.03 15.17
C LEU B 95 -9.54 1.34 16.60
N TYR B 96 -8.61 1.81 17.42
CA TYR B 96 -8.93 2.28 18.77
C TYR B 96 -9.98 3.39 18.74
N HIS B 97 -9.75 4.41 17.93
CA HIS B 97 -10.65 5.55 17.82
C HIS B 97 -12.05 5.13 17.35
N HIS B 98 -12.09 4.19 16.41
CA HIS B 98 -13.36 3.68 15.88
C HIS B 98 -14.16 2.94 16.94
N LEU B 99 -13.53 2.00 17.64
CA LEU B 99 -14.25 1.21 18.60
C LEU B 99 -14.61 1.96 19.88
N HIS B 100 -13.71 2.82 20.36
CA HIS B 100 -13.82 3.36 21.71
C HIS B 100 -13.96 4.87 21.86
N ILE B 101 -13.88 5.63 20.76
CA ILE B 101 -14.05 7.09 20.82
C ILE B 101 -15.27 7.52 20.01
N ILE B 102 -15.22 7.46 18.67
CA ILE B 102 -16.39 7.79 17.86
C ILE B 102 -17.41 6.65 17.88
N GLU B 103 -16.98 5.47 18.31
CA GLU B 103 -17.85 4.32 18.51
C GLU B 103 -18.59 3.90 17.25
N THR B 104 -17.87 3.80 16.13
CA THR B 104 -18.49 3.38 14.88
C THR B 104 -18.97 1.96 15.06
N LYS B 105 -20.06 1.63 14.36
CA LYS B 105 -20.69 0.32 14.47
C LYS B 105 -20.53 -0.45 13.17
N PHE B 106 -19.48 -1.26 13.12
CA PHE B 106 -19.20 -2.10 11.96
C PHE B 106 -20.09 -3.32 11.93
N GLU B 107 -20.48 -3.75 10.74
CA GLU B 107 -21.18 -5.02 10.58
C GLU B 107 -20.21 -6.15 10.88
N MET B 108 -20.74 -7.32 11.20
CA MET B 108 -19.90 -8.45 11.55
C MET B 108 -18.96 -8.82 10.41
N ILE B 109 -19.43 -8.74 9.17
CA ILE B 109 -18.60 -9.07 8.00
C ILE B 109 -17.32 -8.23 7.99
N LYS B 110 -17.42 -6.97 8.41
CA LYS B 110 -16.27 -6.06 8.43
C LYS B 110 -15.37 -6.31 9.63
N LEU B 111 -15.94 -6.46 10.82
CA LEU B 111 -15.15 -6.79 12.00
C LEU B 111 -14.23 -7.97 11.68
N ILE B 112 -14.80 -9.01 11.08
CA ILE B 112 -14.06 -10.21 10.71
C ILE B 112 -12.98 -9.92 9.66
N ASP B 113 -13.27 -8.98 8.76
CA ASP B 113 -12.30 -8.56 7.76
C ASP B 113 -11.10 -7.87 8.41
N ILE B 114 -11.37 -6.92 9.28
CA ILE B 114 -10.32 -6.20 10.00
C ILE B 114 -9.39 -7.17 10.76
N ALA B 115 -10.00 -8.19 11.35
CA ALA B 115 -9.27 -9.27 12.01
C ALA B 115 -8.37 -9.95 11.00
N ARG B 116 -8.97 -10.35 9.88
CA ARG B 116 -8.26 -11.07 8.82
C ARG B 116 -7.02 -10.30 8.40
N GLN B 117 -7.18 -9.01 8.17
CA GLN B 117 -6.11 -8.21 7.62
C GLN B 117 -5.00 -8.05 8.64
N THR B 118 -5.37 -7.68 9.85
CA THR B 118 -4.42 -7.64 10.96
C THR B 118 -3.65 -8.96 11.06
N ALA B 119 -4.40 -10.06 10.98
CA ALA B 119 -3.79 -11.39 10.98
C ALA B 119 -2.82 -11.56 9.81
N GLN B 120 -3.21 -11.12 8.62
CA GLN B 120 -2.32 -11.20 7.46
C GLN B 120 -1.00 -10.50 7.76
N GLY B 121 -1.09 -9.27 8.25
CA GLY B 121 0.09 -8.47 8.54
C GLY B 121 0.98 -9.07 9.61
N MET B 122 0.38 -9.61 10.67
CA MET B 122 1.14 -10.21 11.74
C MET B 122 1.75 -11.54 11.30
N ASP B 123 1.10 -12.24 10.38
CA ASP B 123 1.66 -13.44 9.80
C ASP B 123 2.93 -13.08 9.03
N TYR B 124 2.85 -11.97 8.30
CA TYR B 124 3.97 -11.47 7.49
C TYR B 124 5.18 -11.08 8.32
N LEU B 125 4.95 -10.31 9.37
CA LEU B 125 6.03 -9.87 10.24
C LEU B 125 6.74 -11.07 10.83
N HIS B 126 5.94 -11.98 11.37
CA HIS B 126 6.47 -13.17 12.04
C HIS B 126 7.22 -14.09 11.09
N ALA B 127 6.77 -14.16 9.83
CA ALA B 127 7.48 -14.89 8.81
C ALA B 127 8.90 -14.36 8.64
N LYS B 128 9.05 -13.03 8.72
CA LYS B 128 10.36 -12.38 8.64
C LYS B 128 11.03 -12.26 10.01
N SER B 129 10.48 -12.97 11.00
CA SER B 129 10.97 -12.96 12.39
C SER B 129 11.07 -11.55 12.98
N ILE B 130 10.02 -10.77 12.76
CA ILE B 130 9.88 -9.47 13.39
C ILE B 130 8.77 -9.57 14.42
N ILE B 131 9.11 -9.28 15.67
CA ILE B 131 8.13 -9.26 16.76
C ILE B 131 7.76 -7.80 17.03
N HIS B 132 6.47 -7.50 16.94
CA HIS B 132 5.99 -6.13 17.04
C HIS B 132 6.28 -5.57 18.42
N ARG B 133 5.83 -6.31 19.43
CA ARG B 133 6.01 -5.99 20.85
C ARG B 133 5.05 -4.93 21.37
N ASP B 134 4.15 -4.44 20.52
CA ASP B 134 3.15 -3.46 20.96
C ASP B 134 1.90 -3.45 20.08
N LEU B 135 1.46 -4.61 19.64
CA LEU B 135 0.26 -4.68 18.81
C LEU B 135 -0.95 -4.32 19.64
N LYS B 136 -1.68 -3.29 19.21
CA LYS B 136 -2.90 -2.88 19.89
C LYS B 136 -3.71 -2.01 18.94
N SER B 137 -5.01 -1.89 19.19
CA SER B 137 -5.92 -1.17 18.31
C SER B 137 -5.47 0.26 17.98
N ASN B 138 -4.73 0.90 18.88
CA ASN B 138 -4.17 2.24 18.66
C ASN B 138 -3.17 2.22 17.51
N ASN B 139 -2.47 1.09 17.36
CA ASN B 139 -1.47 0.91 16.31
C ASN B 139 -2.00 0.24 15.06
N ILE B 140 -3.31 0.09 14.96
CA ILE B 140 -3.94 -0.45 13.76
C ILE B 140 -4.74 0.66 13.11
N PHE B 141 -4.24 1.18 12.00
CA PHE B 141 -4.89 2.28 11.29
C PHE B 141 -5.86 1.72 10.26
N LEU B 142 -7.08 2.26 10.24
CA LEU B 142 -8.08 1.84 9.28
C LEU B 142 -8.05 2.83 8.11
N HIS B 143 -7.18 2.54 7.16
CA HIS B 143 -6.87 3.43 6.03
C HIS B 143 -8.00 3.46 5.01
N GLU B 144 -8.45 4.68 4.68
CA GLU B 144 -9.58 4.87 3.78
C GLU B 144 -10.84 4.16 4.28
N ASP B 145 -10.83 3.82 5.57
CA ASP B 145 -11.86 3.01 6.20
C ASP B 145 -12.01 1.58 5.65
N LEU B 146 -10.99 1.05 4.97
CA LEU B 146 -11.04 -0.36 4.53
C LEU B 146 -9.74 -1.18 4.41
N THR B 147 -8.57 -0.59 4.64
CA THR B 147 -7.33 -1.40 4.64
C THR B 147 -6.56 -1.23 5.95
N VAL B 148 -6.41 -2.33 6.69
CA VAL B 148 -5.62 -2.31 7.92
C VAL B 148 -4.15 -2.05 7.61
N LYS B 149 -3.63 -0.96 8.14
CA LYS B 149 -2.20 -0.68 8.11
C LYS B 149 -1.68 -0.79 9.54
N ILE B 150 -0.78 -1.74 9.76
CA ILE B 150 -0.17 -1.93 11.08
C ILE B 150 1.11 -1.09 11.16
N GLY B 151 1.30 -0.43 12.30
CA GLY B 151 2.47 0.42 12.50
C GLY B 151 2.81 0.56 13.97
N ASP B 152 3.71 1.50 14.27
CA ASP B 152 3.88 1.99 15.64
C ASP B 152 3.56 3.48 15.63
N PHE B 153 2.31 3.82 15.94
CA PHE B 153 1.83 5.19 15.87
C PHE B 153 1.90 5.90 17.24
N GLY B 154 3.08 5.84 17.87
CA GLY B 154 3.30 6.41 19.19
C GLY B 154 2.85 7.87 19.31
N LEU B 155 1.63 8.06 19.82
CA LEU B 155 1.05 9.41 20.08
C LEU B 155 0.56 10.16 18.81
N ALA B 156 0.85 9.64 17.62
CA ALA B 156 0.22 10.11 16.37
C ALA B 156 -1.26 9.72 16.32
N THR B 157 -1.61 8.62 17.01
CA THR B 157 -3.01 8.23 17.24
C THR B 157 -3.33 8.31 18.74
N VAL B 158 -4.61 8.14 19.08
CA VAL B 158 -5.12 8.38 20.45
C VAL B 158 -4.65 7.31 21.47
N LYS B 159 -4.49 7.74 22.73
CA LYS B 159 -3.94 6.87 23.79
C LYS B 159 -4.99 5.93 24.43
N SER B 160 -4.52 4.74 24.83
CA SER B 160 -5.37 3.76 25.54
C SER B 160 -5.73 4.24 26.96
N ARG B 161 -6.57 3.49 27.66
CA ARG B 161 -7.01 3.91 29.01
C ARG B 161 -5.88 3.99 30.03
N TRP B 162 -4.95 3.03 29.94
CA TRP B 162 -3.93 2.82 30.98
C TRP B 162 -2.49 2.90 30.44
N GLY B 173 3.48 1.73 29.70
CA GLY B 173 3.02 1.84 28.32
C GLY B 173 1.53 1.56 28.18
N SER B 174 1.19 0.47 27.46
CA SER B 174 -0.19 0.09 27.18
C SER B 174 -0.45 -1.34 27.67
N ILE B 175 -1.11 -1.41 28.80
CA ILE B 175 -1.15 -2.58 29.64
C ILE B 175 -2.19 -3.60 29.18
N LEU B 176 -3.32 -3.13 28.67
CA LEU B 176 -4.43 -4.03 28.35
C LEU B 176 -4.10 -5.12 27.32
N TRP B 177 -3.04 -4.95 26.54
CA TRP B 177 -2.67 -5.92 25.50
C TRP B 177 -1.45 -6.77 25.88
N MET B 178 -0.95 -6.61 27.09
CA MET B 178 0.22 -7.36 27.54
C MET B 178 -0.14 -8.75 28.06
N ALA B 179 0.46 -9.76 27.43
CA ALA B 179 0.38 -11.13 27.90
C ALA B 179 0.96 -11.24 29.31
N PRO B 180 0.38 -12.11 30.15
CA PRO B 180 0.82 -12.26 31.52
C PRO B 180 2.32 -12.42 31.70
N GLU B 181 2.98 -13.18 30.83
CA GLU B 181 4.43 -13.35 30.99
C GLU B 181 5.17 -12.04 30.77
N VAL B 182 4.60 -11.16 29.95
CA VAL B 182 5.17 -9.83 29.71
C VAL B 182 4.96 -8.93 30.93
N ILE B 183 3.73 -8.92 31.45
CA ILE B 183 3.40 -8.15 32.64
C ILE B 183 4.29 -8.53 33.80
N ARG B 184 4.42 -9.82 34.05
CA ARG B 184 5.26 -10.30 35.15
C ARG B 184 6.71 -9.82 35.01
N MET B 185 7.20 -9.80 33.77
CA MET B 185 8.57 -9.37 33.47
C MET B 185 9.54 -10.31 34.21
N GLN B 186 9.47 -11.59 33.83
CA GLN B 186 10.26 -12.64 34.47
C GLN B 186 11.73 -12.46 34.11
N ASP B 187 12.00 -12.17 32.84
CA ASP B 187 13.37 -11.97 32.36
C ASP B 187 13.44 -10.86 31.31
N LYS B 188 14.68 -10.50 30.96
CA LYS B 188 14.97 -9.35 30.11
C LYS B 188 14.19 -9.34 28.78
N ASN B 189 13.81 -10.51 28.29
CA ASN B 189 13.04 -10.61 27.06
C ASN B 189 11.93 -11.65 27.17
N PRO B 190 10.73 -11.21 27.59
CA PRO B 190 9.56 -12.08 27.64
C PRO B 190 8.72 -12.00 26.36
N TYR B 191 9.20 -11.22 25.39
CA TYR B 191 8.46 -11.04 24.13
C TYR B 191 8.72 -12.20 23.18
N SER B 192 7.67 -12.59 22.48
CA SER B 192 7.71 -13.76 21.60
C SER B 192 6.59 -13.65 20.59
N PHE B 193 6.64 -14.44 19.54
CA PHE B 193 5.50 -14.52 18.63
C PHE B 193 4.20 -14.71 19.41
N GLN B 194 4.28 -15.42 20.53
CA GLN B 194 3.10 -15.73 21.32
C GLN B 194 2.61 -14.55 22.16
N SER B 195 3.49 -13.64 22.57
CA SER B 195 3.01 -12.42 23.23
C SER B 195 2.27 -11.52 22.23
N ASP B 196 2.78 -11.45 20.99
CA ASP B 196 2.07 -10.75 19.89
C ASP B 196 0.69 -11.36 19.65
N VAL B 197 0.62 -12.69 19.66
CA VAL B 197 -0.65 -13.40 19.51
C VAL B 197 -1.65 -13.04 20.59
N TYR B 198 -1.23 -13.04 21.86
CA TYR B 198 -2.10 -12.59 22.94
C TYR B 198 -2.63 -11.18 22.69
N ALA B 199 -1.75 -10.27 22.29
CA ALA B 199 -2.16 -8.89 22.01
C ALA B 199 -3.24 -8.88 20.94
N PHE B 200 -3.01 -9.64 19.87
CA PHE B 200 -4.02 -9.82 18.82
C PHE B 200 -5.32 -10.33 19.42
N GLY B 201 -5.19 -11.31 20.32
CA GLY B 201 -6.31 -11.83 21.08
C GLY B 201 -7.14 -10.74 21.72
N ILE B 202 -6.51 -9.74 22.30
CA ILE B 202 -7.27 -8.64 22.87
C ILE B 202 -7.93 -7.81 21.77
N VAL B 203 -7.23 -7.60 20.66
CA VAL B 203 -7.81 -6.84 19.56
C VAL B 203 -9.08 -7.54 19.08
N LEU B 204 -9.03 -8.86 18.99
CA LEU B 204 -10.22 -9.63 18.67
C LEU B 204 -11.32 -9.43 19.70
N TYR B 205 -10.93 -9.29 20.96
CA TYR B 205 -11.88 -8.99 22.02
C TYR B 205 -12.54 -7.66 21.75
N GLU B 206 -11.72 -6.64 21.49
CA GLU B 206 -12.23 -5.32 21.16
C GLU B 206 -13.19 -5.35 19.97
N LEU B 207 -12.79 -6.00 18.89
CA LEU B 207 -13.61 -6.07 17.70
C LEU B 207 -14.97 -6.67 18.01
N MET B 208 -14.95 -7.82 18.70
CA MET B 208 -16.17 -8.58 18.96
C MET B 208 -17.06 -8.05 20.09
N THR B 209 -16.47 -7.32 21.03
CA THR B 209 -17.23 -6.76 22.13
C THR B 209 -17.54 -5.29 21.89
N GLY B 210 -16.66 -4.62 21.15
CA GLY B 210 -16.74 -3.18 20.95
C GLY B 210 -16.18 -2.39 22.12
N GLN B 211 -15.57 -3.09 23.08
CA GLN B 211 -15.12 -2.49 24.34
C GLN B 211 -13.70 -2.90 24.68
N LEU B 212 -13.10 -2.17 25.61
CA LEU B 212 -11.81 -2.53 26.17
C LEU B 212 -12.08 -3.51 27.30
N PRO B 213 -11.12 -4.41 27.56
CA PRO B 213 -11.26 -5.36 28.67
C PRO B 213 -11.15 -4.70 30.04
N TYR B 214 -11.66 -5.39 31.05
CA TYR B 214 -11.56 -4.97 32.46
C TYR B 214 -12.17 -3.60 32.74
N SER B 215 -13.26 -3.28 32.06
CA SER B 215 -13.91 -1.98 32.24
C SER B 215 -14.55 -1.82 33.61
N ASN B 216 -14.75 -2.92 34.33
CA ASN B 216 -15.30 -2.89 35.70
C ASN B 216 -14.27 -2.61 36.81
N ILE B 217 -13.02 -2.35 36.43
CA ILE B 217 -11.92 -2.15 37.38
C ILE B 217 -11.25 -0.79 37.16
N ASN B 218 -11.28 0.06 38.18
CA ASN B 218 -10.80 1.43 38.06
C ASN B 218 -9.34 1.64 38.45
N ASN B 219 -8.61 0.57 38.74
CA ASN B 219 -7.25 0.69 39.27
C ASN B 219 -6.24 0.01 38.35
N ARG B 220 -5.21 0.75 37.95
CA ARG B 220 -4.26 0.26 36.96
C ARG B 220 -3.35 -0.81 37.53
N ASP B 221 -2.80 -0.57 38.71
CA ASP B 221 -1.89 -1.52 39.34
C ASP B 221 -2.55 -2.86 39.65
N GLN B 222 -3.83 -2.83 40.02
CA GLN B 222 -4.59 -4.05 40.23
C GLN B 222 -4.79 -4.84 38.93
N ILE B 223 -5.03 -4.15 37.82
CA ILE B 223 -5.15 -4.86 36.55
C ILE B 223 -3.83 -5.54 36.24
N ILE B 224 -2.74 -4.79 36.36
CA ILE B 224 -1.40 -5.31 36.12
C ILE B 224 -1.16 -6.56 36.98
N PHE B 225 -1.40 -6.42 38.28
CA PHE B 225 -1.15 -7.52 39.22
C PHE B 225 -1.92 -8.78 38.84
N MET B 226 -3.21 -8.63 38.61
CA MET B 226 -4.09 -9.78 38.47
C MET B 226 -3.96 -10.48 37.13
N VAL B 227 -3.93 -9.73 36.03
CA VAL B 227 -3.68 -10.34 34.72
C VAL B 227 -2.39 -11.14 34.83
N GLY B 228 -1.41 -10.58 35.53
CA GLY B 228 -0.11 -11.22 35.74
C GLY B 228 -0.16 -12.56 36.44
N ARG B 229 -0.98 -12.68 37.48
CA ARG B 229 -1.11 -13.94 38.22
C ARG B 229 -2.19 -14.86 37.64
N GLY B 230 -2.79 -14.49 36.53
CA GLY B 230 -3.86 -15.28 35.94
C GLY B 230 -5.17 -15.19 36.68
N TYR B 231 -5.31 -14.22 37.58
CA TYR B 231 -6.56 -14.06 38.32
C TYR B 231 -7.60 -13.31 37.48
N LEU B 232 -7.14 -12.47 36.56
CA LEU B 232 -8.03 -11.66 35.72
C LEU B 232 -7.87 -12.05 34.26
N SER B 233 -8.98 -12.13 33.53
CA SER B 233 -8.93 -12.32 32.07
C SER B 233 -10.18 -11.71 31.41
N PRO B 234 -10.09 -11.41 30.10
CA PRO B 234 -11.20 -10.84 29.36
C PRO B 234 -12.48 -11.63 29.51
N ASP B 235 -13.57 -10.94 29.85
CA ASP B 235 -14.90 -11.54 29.96
C ASP B 235 -15.46 -11.85 28.57
N LEU B 236 -15.35 -13.10 28.14
CA LEU B 236 -15.74 -13.48 26.79
C LEU B 236 -17.26 -13.54 26.56
N SER B 237 -18.06 -13.32 27.61
CA SER B 237 -19.50 -13.31 27.45
C SER B 237 -20.00 -11.99 26.86
N LYS B 238 -19.13 -10.98 26.83
CA LYS B 238 -19.50 -9.68 26.30
C LYS B 238 -19.44 -9.61 24.77
N VAL B 239 -19.09 -10.73 24.11
CA VAL B 239 -19.05 -10.75 22.65
C VAL B 239 -20.47 -10.72 22.09
N ARG B 240 -20.60 -10.27 20.83
CA ARG B 240 -21.93 -10.09 20.23
C ARG B 240 -22.55 -11.40 19.82
N SER B 241 -23.88 -11.45 19.86
CA SER B 241 -24.64 -12.62 19.46
C SER B 241 -24.22 -13.15 18.09
N ASN B 242 -24.08 -12.25 17.13
CA ASN B 242 -23.80 -12.64 15.74
C ASN B 242 -22.33 -12.98 15.45
N CYS B 243 -21.46 -12.82 16.46
CA CYS B 243 -20.07 -13.26 16.34
C CYS B 243 -19.97 -14.78 16.33
N PRO B 244 -19.43 -15.38 15.25
CA PRO B 244 -19.48 -16.84 15.12
C PRO B 244 -18.63 -17.60 16.16
N LYS B 245 -19.01 -18.84 16.43
CA LYS B 245 -18.36 -19.64 17.47
C LYS B 245 -16.89 -19.92 17.15
N ALA B 246 -16.58 -20.08 15.88
CA ALA B 246 -15.19 -20.26 15.46
C ALA B 246 -14.36 -19.09 15.94
N MET B 247 -14.87 -17.88 15.72
CA MET B 247 -14.15 -16.66 16.08
C MET B 247 -14.02 -16.54 17.59
N LYS B 248 -15.07 -16.89 18.33
CA LYS B 248 -15.00 -16.85 19.79
C LYS B 248 -14.00 -17.87 20.32
N ARG B 249 -13.97 -19.04 19.69
CA ARG B 249 -13.03 -20.10 20.08
C ARG B 249 -11.59 -19.69 19.83
N LEU B 250 -11.35 -19.10 18.66
CA LEU B 250 -10.02 -18.62 18.27
C LEU B 250 -9.53 -17.54 19.22
N MET B 251 -10.46 -16.68 19.61
CA MET B 251 -10.22 -15.60 20.57
C MET B 251 -9.76 -16.18 21.90
N ALA B 252 -10.42 -17.24 22.35
CA ALA B 252 -10.07 -17.90 23.60
C ALA B 252 -8.67 -18.56 23.55
N GLU B 253 -8.34 -19.20 22.43
CA GLU B 253 -7.01 -19.83 22.25
C GLU B 253 -5.87 -18.79 22.27
N CYS B 254 -6.09 -17.66 21.59
CA CYS B 254 -5.11 -16.57 21.56
C CYS B 254 -4.88 -15.97 22.95
N LEU B 255 -5.91 -15.93 23.77
CA LEU B 255 -5.82 -15.28 25.08
C LEU B 255 -5.38 -16.25 26.17
N LYS B 256 -4.99 -17.47 25.82
CA LYS B 256 -4.53 -18.41 26.83
C LYS B 256 -3.42 -17.79 27.65
N LYS B 257 -3.35 -18.16 28.92
CA LYS B 257 -2.42 -17.53 29.83
C LYS B 257 -1.04 -18.15 29.72
N LYS B 258 -0.97 -19.35 29.16
CA LYS B 258 0.30 -20.06 29.00
C LYS B 258 0.84 -19.88 27.57
N ARG B 259 1.85 -19.02 27.44
CA ARG B 259 2.51 -18.72 26.16
C ARG B 259 2.49 -19.90 25.18
N ASP B 260 3.09 -21.01 25.57
CA ASP B 260 3.26 -22.14 24.63
C ASP B 260 1.94 -22.83 24.27
N GLU B 261 0.85 -22.49 24.95
CA GLU B 261 -0.48 -22.97 24.58
C GLU B 261 -1.19 -22.11 23.54
N ARG B 262 -0.54 -21.06 23.04
CA ARG B 262 -1.19 -20.15 22.08
C ARG B 262 -0.81 -20.52 20.65
N PRO B 263 -1.76 -20.36 19.72
CA PRO B 263 -1.48 -20.66 18.32
C PRO B 263 -0.63 -19.56 17.66
N LEU B 264 0.05 -19.91 16.59
CA LEU B 264 0.87 -18.96 15.84
C LEU B 264 0.06 -18.49 14.64
N PHE B 265 0.51 -17.42 14.00
CA PHE B 265 -0.36 -16.73 13.05
C PHE B 265 -0.73 -17.52 11.80
N PRO B 266 0.16 -18.39 11.32
CA PRO B 266 -0.28 -19.19 10.18
C PRO B 266 -1.62 -19.87 10.45
N GLN B 267 -1.78 -20.46 11.62
CA GLN B 267 -3.03 -21.16 11.96
C GLN B 267 -4.13 -20.14 12.20
N ILE B 268 -3.82 -19.10 12.95
CA ILE B 268 -4.79 -18.04 13.22
C ILE B 268 -5.35 -17.50 11.90
N LEU B 269 -4.46 -17.17 10.97
CA LEU B 269 -4.86 -16.69 9.65
C LEU B 269 -5.74 -17.73 8.96
N ALA B 270 -5.27 -18.98 8.97
CA ALA B 270 -6.00 -20.08 8.35
C ALA B 270 -7.39 -20.25 8.96
N SER B 271 -7.52 -20.00 10.26
CA SER B 271 -8.80 -20.17 10.97
C SER B 271 -9.79 -19.12 10.53
N ILE B 272 -9.34 -17.88 10.47
CA ILE B 272 -10.19 -16.77 10.09
C ILE B 272 -10.58 -16.85 8.61
N GLU B 273 -9.63 -17.26 7.76
CA GLU B 273 -9.89 -17.49 6.33
C GLU B 273 -10.99 -18.53 6.11
N LEU B 274 -10.99 -19.57 6.94
CA LEU B 274 -11.97 -20.65 6.81
C LEU B 274 -13.36 -20.15 7.19
N LEU B 275 -13.47 -19.47 8.33
CA LEU B 275 -14.78 -18.96 8.75
C LEU B 275 -15.18 -17.74 7.91
N ALA B 276 -14.20 -17.10 7.25
CA ALA B 276 -14.46 -15.98 6.34
C ALA B 276 -15.43 -16.36 5.22
N ARG B 277 -15.22 -17.51 4.58
CA ARG B 277 -16.27 -18.04 3.71
C ARG B 277 -17.41 -18.56 4.61
N SER B 278 -18.66 -18.37 4.17
CA SER B 278 -19.86 -18.67 4.98
C SER B 278 -19.98 -17.77 6.22
C1 0T2 C . 0.37 -8.61 -14.04
N2 0T2 C . 0.66 -8.31 -12.64
C3 0T2 C . 2.01 -8.34 -12.30
C4 0T2 C . 2.47 -9.36 -11.48
C5 0T2 C . 3.80 -9.42 -11.14
C6 0T2 C . 4.68 -8.47 -11.63
F7 0T2 C . 5.98 -8.55 -11.29
C8 0T2 C . 4.23 -7.43 -12.45
N9 0T2 C . 5.20 -6.52 -12.93
C10 0T2 C . 4.98 -5.25 -13.35
O11 0T2 C . 3.89 -4.74 -13.32
C12 0T2 C . 6.15 -4.48 -13.86
C13 0T2 C . 6.90 -5.01 -14.91
C14 0T2 C . 7.99 -4.33 -15.40
C15 0T2 C . 8.34 -3.10 -14.86
C16 0T2 C . 7.61 -2.55 -13.81
O17 0T2 C . 7.96 -1.35 -13.26
C18 0T2 C . 7.53 -0.06 -13.77
C19 0T2 C . 7.56 0.06 -15.30
C20 0T2 C . 8.47 1.01 -13.21
C21 0T2 C . 6.18 0.24 -13.24
N22 0T2 C . 5.16 0.50 -12.82
C23 0T2 C . 6.51 -3.25 -13.31
CL2 0T2 C . 5.59 -2.56 -12.01
C25 0T2 C . 2.89 -7.38 -12.79
C26 0T2 C . -0.41 -8.10 -11.77
C27 0T2 C . -0.32 -7.57 -10.48
C28 0T2 C . -1.45 -7.40 -9.72
C29 0T2 C . -2.71 -7.79 -10.25
N30 0T2 C . -3.96 -7.75 -9.71
C31 0T2 C . -4.97 -8.16 -10.44
N32 0T2 C . -6.31 -8.27 -10.07
C33 0T2 C . -7.26 -8.69 -10.94
O34 0T2 C . -6.95 -8.93 -12.09
C35 0T2 C . -8.71 -8.93 -10.59
C36 0T2 C . -9.50 -8.03 -9.66
C37 0T2 C . -9.76 -7.99 -11.17
S38 0T2 C . -4.34 -8.72 -11.97
C39 0T2 C . -2.71 -8.32 -11.54
N40 0T2 C . -1.60 -8.44 -12.23
C1 0T2 D . 3.47 7.84 13.55
N2 0T2 D . 3.60 7.58 12.12
C3 0T2 D . 4.83 7.12 11.69
C4 0T2 D . 5.57 7.86 10.79
C5 0T2 D . 6.81 7.40 10.38
C6 0T2 D . 7.31 6.22 10.89
F7 0T2 D . 8.52 5.77 10.49
C8 0T2 D . 6.59 5.47 11.81
N9 0T2 D . 7.17 4.28 12.29
C10 0T2 D . 6.50 3.14 12.58
O11 0T2 D . 5.29 3.03 12.44
C12 0T2 D . 7.29 1.98 13.07
C13 0T2 D . 8.18 2.12 14.15
C14 0T2 D . 8.90 1.03 14.59
C15 0T2 D . 8.76 -0.20 13.96
C16 0T2 D . 7.88 -0.36 12.89
O17 0T2 D . 7.73 -1.54 12.22
C18 0T2 D . 6.89 -2.64 12.61
C19 0T2 D . 7.33 -3.30 13.92
C20 0T2 D . 6.98 -3.65 11.47
C21 0T2 D . 5.46 -2.31 12.71
N22 0T2 D . 4.35 -2.08 12.80
C23 0T2 D . 7.16 0.74 12.45
CL2 0T2 D . 6.07 0.50 11.10
C25 0T2 D . 5.34 5.94 12.22
C26 0T2 D . 2.53 7.83 11.26
C27 0T2 D . 2.47 7.38 9.93
C28 0T2 D . 1.37 7.68 9.15
C29 0T2 D . 0.31 8.46 9.70
N30 0T2 D . -0.85 8.89 9.15
C31 0T2 D . -1.65 9.58 9.90
N32 0T2 D . -2.87 10.15 9.51
C33 0T2 D . -3.58 10.93 10.36
O34 0T2 D . -3.21 11.12 11.50
C35 0T2 D . -4.86 11.59 9.94
C36 0T2 D . -6.12 10.76 9.78
C37 0T2 D . -5.97 11.70 10.98
S38 0T2 D . -0.95 9.81 11.48
C39 0T2 D . 0.46 8.87 11.02
N40 0T2 D . 1.53 8.55 11.74
#